data_6JOF
#
_entry.id   6JOF
#
_cell.length_a   73.070
_cell.length_b   51.380
_cell.length_c   57.950
_cell.angle_alpha   90.00
_cell.angle_beta   90.19
_cell.angle_gamma   90.00
#
_symmetry.space_group_name_H-M   'C 1 2 1'
#
loop_
_entity.id
_entity.type
_entity.pdbx_description
1 polymer 'tRNA (guanine-N(1)-)-methyltransferase'
2 non-polymer ~{N}-[[4-[(4-azanylpiperidin-1-yl)methyl]phenyl]methyl]-4-oxidanylidene-3~{H}-thieno[2,3-d]pyrimidine-5-carboxamide
3 water water
#
_entity_poly.entity_id   1
_entity_poly.type   'polypeptide(L)'
_entity_poly.pdbx_seq_one_letter_code
;MRIDIVTIFPACLDPLRQSLPGKAIESGLVDLNVHDLRRWTHDVHHSVDDAPYGGGPGMVMKAPVWGEALDEICSSETLL
IVPTPAGVLFTQATAQRWTTESHLVFACGRYEGIDQRVVQDAARRMRVEEVSIGDYVLPGGESAAVVMVEAVLRLLAGVL
GNPASHQDDSHSTGLDGLLEGPSYTRPASWRGLDVPEVLLSGDHARIAAWRREVSLQRTRERRPDLSHPDGSHHHHHH
;
_entity_poly.pdbx_strand_id   A
#
loop_
_chem_comp.id
_chem_comp.type
_chem_comp.name
_chem_comp.formula
BWR non-polymer ~{N}-[[4-[(4-azanylpiperidin-1-yl)methyl]phenyl]methyl]-4-oxidanylidene-3~{H}-thieno[2,3-d]pyrimidine-5-carboxamide 'C20 H23 N5 O2 S'
#
# COMPACT_ATOMS: atom_id res chain seq x y z
N MET A 1 3.17 -13.30 -8.92
CA MET A 1 3.34 -11.85 -9.12
C MET A 1 4.77 -11.43 -8.78
N ARG A 2 5.28 -10.41 -9.47
CA ARG A 2 6.58 -9.84 -9.19
C ARG A 2 6.40 -8.42 -8.64
N ILE A 3 6.97 -8.16 -7.46
CA ILE A 3 6.91 -6.84 -6.85
C ILE A 3 8.33 -6.30 -6.63
N ASP A 4 8.60 -5.08 -7.12
CA ASP A 4 9.87 -4.39 -6.92
C ASP A 4 9.57 -3.10 -6.21
N ILE A 5 10.26 -2.85 -5.09
CA ILE A 5 10.08 -1.61 -4.35
C ILE A 5 11.39 -0.82 -4.33
N VAL A 6 11.35 0.39 -4.88
CA VAL A 6 12.52 1.27 -4.97
C VAL A 6 12.37 2.34 -3.89
N THR A 7 13.41 2.46 -3.02
CA THR A 7 13.40 3.32 -1.83
C THR A 7 14.82 3.69 -1.33
N ILE A 8 14.94 4.78 -0.54
CA ILE A 8 16.20 5.16 0.12
C ILE A 8 16.24 4.49 1.52
N PHE A 9 15.15 3.80 1.91
CA PHE A 9 14.98 3.09 3.19
C PHE A 9 14.50 1.63 3.01
N PRO A 10 15.34 0.71 2.46
CA PRO A 10 14.89 -0.69 2.29
C PRO A 10 14.36 -1.36 3.54
N ALA A 11 15.03 -1.16 4.71
CA ALA A 11 14.60 -1.72 5.98
C ALA A 11 13.12 -1.41 6.31
N CYS A 12 12.57 -0.25 5.85
CA CYS A 12 11.14 0.13 6.06
C CYS A 12 10.12 -0.86 5.40
N LEU A 13 10.60 -1.76 4.52
CA LEU A 13 9.75 -2.75 3.85
C LEU A 13 9.93 -4.17 4.44
N ASP A 14 10.68 -4.29 5.56
CA ASP A 14 10.89 -5.55 6.26
C ASP A 14 9.59 -6.22 6.78
N PRO A 15 8.48 -5.47 7.16
CA PRO A 15 7.26 -6.16 7.60
C PRO A 15 6.66 -7.07 6.52
N LEU A 16 6.98 -6.81 5.22
CA LEU A 16 6.52 -7.62 4.09
C LEU A 16 7.12 -9.04 4.10
N ARG A 17 8.17 -9.26 4.91
CA ARG A 17 8.84 -10.55 5.09
CA ARG A 17 8.85 -10.55 5.10
C ARG A 17 8.23 -11.29 6.28
N GLN A 18 7.31 -10.62 7.02
CA GLN A 18 6.63 -11.19 8.19
C GLN A 18 5.15 -11.44 7.85
N SER A 19 4.48 -12.30 8.67
CA SER A 19 3.06 -12.68 8.59
C SER A 19 2.65 -13.19 7.19
N LEU A 20 1.40 -12.88 6.75
CA LEU A 20 0.81 -13.26 5.46
C LEU A 20 1.63 -12.78 4.26
N PRO A 21 2.10 -11.50 4.15
CA PRO A 21 2.94 -11.13 3.00
C PRO A 21 4.14 -12.09 2.86
N GLY A 22 4.74 -12.48 3.99
CA GLY A 22 5.84 -13.45 4.03
C GLY A 22 5.44 -14.85 3.61
N LYS A 23 4.21 -15.27 3.94
CA LYS A 23 3.63 -16.57 3.57
C LYS A 23 3.43 -16.61 2.05
N ALA A 24 3.03 -15.46 1.45
CA ALA A 24 2.84 -15.31 0.01
C ALA A 24 4.14 -15.46 -0.77
N ILE A 25 5.29 -14.93 -0.23
CA ILE A 25 6.61 -15.03 -0.86
CA ILE A 25 6.60 -15.05 -0.91
C ILE A 25 7.15 -16.46 -0.72
N GLU A 26 7.01 -17.06 0.49
CA GLU A 26 7.47 -18.42 0.79
C GLU A 26 6.69 -19.49 0.03
N SER A 27 5.40 -19.22 -0.28
CA SER A 27 4.56 -20.10 -1.08
C SER A 27 5.02 -20.07 -2.55
N GLY A 28 5.88 -19.11 -2.89
CA GLY A 28 6.43 -18.91 -4.23
C GLY A 28 5.45 -18.25 -5.17
N LEU A 29 4.34 -17.72 -4.62
CA LEU A 29 3.26 -17.02 -5.31
C LEU A 29 3.70 -15.62 -5.72
N VAL A 30 4.50 -14.95 -4.87
CA VAL A 30 4.97 -13.59 -5.08
C VAL A 30 6.50 -13.54 -4.99
N ASP A 31 7.15 -12.79 -5.86
CA ASP A 31 8.58 -12.58 -5.83
C ASP A 31 8.83 -11.12 -5.46
N LEU A 32 9.17 -10.86 -4.18
CA LEU A 32 9.41 -9.50 -3.70
C LEU A 32 10.87 -9.10 -3.75
N ASN A 33 11.11 -7.91 -4.31
CA ASN A 33 12.43 -7.30 -4.42
C ASN A 33 12.35 -5.89 -3.86
N VAL A 34 13.29 -5.52 -3.00
CA VAL A 34 13.39 -4.20 -2.41
C VAL A 34 14.77 -3.65 -2.77
N HIS A 35 14.81 -2.53 -3.47
CA HIS A 35 16.03 -1.90 -3.96
C HIS A 35 16.30 -0.55 -3.32
N ASP A 36 17.59 -0.28 -3.09
CA ASP A 36 18.06 0.99 -2.56
C ASP A 36 18.30 1.85 -3.81
N LEU A 37 17.62 3.02 -3.86
CA LEU A 37 17.71 3.98 -4.97
C LEU A 37 19.16 4.45 -5.21
N ARG A 38 19.97 4.50 -4.13
CA ARG A 38 21.38 4.92 -4.12
C ARG A 38 22.31 4.00 -4.94
N ARG A 39 21.85 2.78 -5.27
CA ARG A 39 22.58 1.82 -6.10
C ARG A 39 22.64 2.29 -7.58
N TRP A 40 21.81 3.30 -7.95
CA TRP A 40 21.79 3.92 -9.27
C TRP A 40 22.44 5.33 -9.29
N THR A 41 23.08 5.73 -8.17
CA THR A 41 23.79 7.03 -8.11
C THR A 41 25.26 6.76 -8.45
N HIS A 42 25.93 7.75 -9.07
CA HIS A 42 27.32 7.62 -9.49
C HIS A 42 28.26 8.62 -8.78
N ASP A 43 27.68 9.57 -8.03
CA ASP A 43 28.42 10.59 -7.27
C ASP A 43 29.01 10.02 -5.98
N VAL A 44 30.00 10.73 -5.39
CA VAL A 44 30.72 10.35 -4.15
C VAL A 44 29.79 10.38 -2.92
N HIS A 45 28.78 11.28 -2.92
CA HIS A 45 27.83 11.45 -1.81
C HIS A 45 26.54 10.63 -1.95
N HIS A 46 26.30 10.03 -3.15
CA HIS A 46 25.11 9.23 -3.49
C HIS A 46 23.83 10.08 -3.34
N SER A 47 23.92 11.35 -3.80
CA SER A 47 22.83 12.33 -3.74
C SER A 47 21.65 11.86 -4.58
N VAL A 48 20.47 11.84 -3.97
CA VAL A 48 19.21 11.46 -4.63
C VAL A 48 18.28 12.68 -4.72
N ASP A 49 18.59 13.73 -3.95
CA ASP A 49 17.79 14.93 -3.85
C ASP A 49 18.57 16.15 -4.32
N ASP A 50 17.87 17.29 -4.50
CA ASP A 50 18.42 18.57 -4.94
C ASP A 50 17.38 19.69 -4.71
N ALA A 51 17.80 20.96 -4.77
CA ALA A 51 16.95 22.13 -4.54
C ALA A 51 15.79 22.25 -5.56
N PRO A 52 14.57 22.61 -5.11
CA PRO A 52 13.46 22.73 -6.06
C PRO A 52 13.50 23.98 -6.94
N TYR A 53 13.05 23.84 -8.21
CA TYR A 53 12.94 24.98 -9.12
C TYR A 53 11.72 25.79 -8.67
N GLY A 54 11.87 27.12 -8.70
CA GLY A 54 10.84 28.06 -8.25
C GLY A 54 10.89 28.24 -6.74
N GLY A 55 11.90 27.63 -6.11
CA GLY A 55 12.12 27.66 -4.67
C GLY A 55 11.09 26.85 -3.92
N GLY A 56 10.98 27.14 -2.64
CA GLY A 56 10.06 26.45 -1.74
C GLY A 56 10.81 25.65 -0.70
N PRO A 57 10.11 25.18 0.36
CA PRO A 57 10.80 24.37 1.39
C PRO A 57 11.17 22.97 0.89
N GLY A 58 12.01 22.28 1.66
CA GLY A 58 12.47 20.92 1.40
C GLY A 58 13.24 20.70 0.12
N MET A 59 13.59 19.43 -0.14
CA MET A 59 14.33 19.01 -1.34
C MET A 59 13.46 18.16 -2.29
N VAL A 60 13.88 18.03 -3.55
CA VAL A 60 13.15 17.28 -4.58
C VAL A 60 14.01 16.12 -5.09
N MET A 61 13.42 14.89 -5.16
CA MET A 61 14.13 13.70 -5.61
C MET A 61 14.45 13.80 -7.09
N LYS A 62 15.74 13.73 -7.42
CA LYS A 62 16.33 13.86 -8.76
C LYS A 62 15.65 12.94 -9.76
N ALA A 63 15.26 13.47 -10.92
CA ALA A 63 14.68 12.66 -11.97
C ALA A 63 15.71 11.70 -12.63
N PRO A 64 16.98 12.10 -12.94
CA PRO A 64 17.89 11.16 -13.64
C PRO A 64 18.25 9.89 -12.88
N VAL A 65 18.35 9.96 -11.53
CA VAL A 65 18.68 8.81 -10.69
C VAL A 65 17.50 7.82 -10.69
N TRP A 66 16.24 8.36 -10.63
CA TRP A 66 14.98 7.60 -10.67
C TRP A 66 14.77 7.01 -12.07
N GLY A 67 15.08 7.81 -13.09
CA GLY A 67 14.99 7.44 -14.49
C GLY A 67 15.82 6.22 -14.82
N GLU A 68 17.05 6.19 -14.28
CA GLU A 68 18.00 5.09 -14.44
C GLU A 68 17.52 3.85 -13.70
N ALA A 69 17.02 4.05 -12.47
CA ALA A 69 16.49 2.99 -11.60
C ALA A 69 15.32 2.27 -12.27
N LEU A 70 14.30 3.03 -12.70
CA LEU A 70 13.09 2.49 -13.34
C LEU A 70 13.34 1.96 -14.77
N ASP A 71 14.40 2.41 -15.44
CA ASP A 71 14.78 1.95 -16.80
C ASP A 71 15.21 0.49 -16.77
N GLU A 72 15.93 0.09 -15.72
CA GLU A 72 16.41 -1.28 -15.55
C GLU A 72 15.31 -2.21 -15.04
N ILE A 73 14.55 -1.75 -14.05
CA ILE A 73 13.52 -2.54 -13.39
C ILE A 73 12.26 -2.76 -14.22
N CYS A 74 11.73 -1.70 -14.83
CA CYS A 74 10.46 -1.74 -15.55
C CYS A 74 10.52 -2.24 -16.99
N SER A 75 9.34 -2.68 -17.48
CA SER A 75 9.04 -3.12 -18.84
C SER A 75 7.71 -2.47 -19.26
N SER A 76 7.25 -2.74 -20.49
CA SER A 76 6.00 -2.17 -21.00
C SER A 76 4.74 -2.75 -20.36
N GLU A 77 4.90 -3.87 -19.65
CA GLU A 77 3.83 -4.58 -18.98
C GLU A 77 3.72 -4.19 -17.51
N THR A 78 4.73 -3.45 -17.01
CA THR A 78 4.81 -3.00 -15.63
C THR A 78 3.72 -1.98 -15.28
N LEU A 79 3.19 -2.10 -14.06
CA LEU A 79 2.29 -1.13 -13.49
C LEU A 79 3.18 -0.41 -12.47
N LEU A 80 3.52 0.85 -12.77
CA LEU A 80 4.32 1.68 -11.88
C LEU A 80 3.40 2.40 -10.90
N ILE A 81 3.60 2.15 -9.60
CA ILE A 81 2.83 2.78 -8.54
C ILE A 81 3.69 3.79 -7.82
N VAL A 82 3.29 5.06 -7.88
CA VAL A 82 4.00 6.17 -7.26
C VAL A 82 3.15 6.62 -6.05
N PRO A 83 3.48 6.19 -4.81
CA PRO A 83 2.70 6.66 -3.65
C PRO A 83 2.98 8.16 -3.44
N THR A 84 1.92 8.97 -3.23
CA THR A 84 2.03 10.43 -3.08
C THR A 84 0.76 11.01 -2.43
N PRO A 85 0.81 12.11 -1.63
CA PRO A 85 -0.46 12.67 -1.09
C PRO A 85 -1.27 13.38 -2.18
N ALA A 86 -0.71 13.47 -3.40
CA ALA A 86 -1.33 14.09 -4.59
C ALA A 86 -2.07 13.08 -5.47
N GLY A 87 -2.00 11.82 -5.10
CA GLY A 87 -2.63 10.77 -5.91
C GLY A 87 -4.09 10.53 -5.66
N VAL A 88 -4.70 9.65 -6.47
CA VAL A 88 -6.08 9.21 -6.28
C VAL A 88 -6.04 8.27 -5.06
N LEU A 89 -7.12 8.22 -4.30
CA LEU A 89 -7.21 7.37 -3.11
C LEU A 89 -7.16 5.87 -3.39
N PHE A 90 -6.40 5.15 -2.55
CA PHE A 90 -6.33 3.68 -2.61
C PHE A 90 -7.60 3.16 -1.95
N THR A 91 -8.26 2.18 -2.58
CA THR A 91 -9.46 1.52 -2.05
C THR A 91 -9.29 0.01 -2.26
N GLN A 92 -10.26 -0.80 -1.77
CA GLN A 92 -10.27 -2.24 -1.97
C GLN A 92 -10.44 -2.59 -3.46
N ALA A 93 -11.17 -1.72 -4.20
CA ALA A 93 -11.39 -1.86 -5.65
C ALA A 93 -10.04 -1.86 -6.38
N THR A 94 -9.09 -0.99 -5.95
CA THR A 94 -7.72 -0.85 -6.48
C THR A 94 -6.91 -2.11 -6.14
N ALA A 95 -6.99 -2.57 -4.89
CA ALA A 95 -6.30 -3.79 -4.43
C ALA A 95 -6.76 -5.00 -5.25
N GLN A 96 -8.08 -5.17 -5.44
CA GLN A 96 -8.67 -6.26 -6.22
C GLN A 96 -8.20 -6.27 -7.67
N ARG A 97 -8.14 -5.10 -8.33
CA ARG A 97 -7.71 -5.07 -9.71
C ARG A 97 -6.19 -5.22 -9.86
N TRP A 98 -5.40 -4.90 -8.81
CA TRP A 98 -3.94 -5.08 -8.88
C TRP A 98 -3.49 -6.55 -8.82
N THR A 99 -4.40 -7.46 -8.44
CA THR A 99 -4.18 -8.92 -8.37
C THR A 99 -4.09 -9.54 -9.78
N THR A 100 -4.49 -8.77 -10.82
CA THR A 100 -4.49 -9.18 -12.23
C THR A 100 -3.17 -8.76 -12.93
N GLU A 101 -2.17 -8.31 -12.15
CA GLU A 101 -0.88 -7.84 -12.72
C GLU A 101 0.23 -8.85 -12.46
N SER A 102 1.24 -8.93 -13.36
CA SER A 102 2.39 -9.81 -13.20
C SER A 102 3.60 -9.05 -12.63
N HIS A 103 3.63 -7.70 -12.80
CA HIS A 103 4.73 -6.85 -12.33
C HIS A 103 4.30 -5.49 -11.80
N LEU A 104 4.43 -5.28 -10.47
CA LEU A 104 4.15 -4.01 -9.82
C LEU A 104 5.46 -3.40 -9.31
N VAL A 105 5.72 -2.14 -9.67
CA VAL A 105 6.91 -1.43 -9.19
C VAL A 105 6.43 -0.29 -8.30
N PHE A 106 6.99 -0.15 -7.09
CA PHE A 106 6.61 0.89 -6.15
C PHE A 106 7.76 1.87 -6.02
N ALA A 107 7.57 3.06 -6.54
CA ALA A 107 8.57 4.12 -6.50
C ALA A 107 8.26 5.00 -5.27
N CYS A 108 8.79 4.58 -4.10
CA CYS A 108 8.64 5.24 -2.80
C CYS A 108 9.44 6.55 -2.75
N GLY A 109 8.72 7.66 -2.65
CA GLY A 109 9.31 9.00 -2.57
C GLY A 109 9.60 9.47 -1.15
N ARG A 110 10.69 10.25 -1.03
CA ARG A 110 11.09 10.92 0.21
C ARG A 110 11.31 12.40 -0.10
N TYR A 111 11.74 13.19 0.91
CA TYR A 111 11.92 14.65 0.87
C TYR A 111 10.56 15.28 0.51
N GLU A 112 10.47 16.17 -0.51
CA GLU A 112 9.20 16.78 -0.92
C GLU A 112 8.46 15.97 -1.98
N GLY A 113 9.11 14.92 -2.46
CA GLY A 113 8.59 14.02 -3.49
C GLY A 113 9.54 13.84 -4.66
N ILE A 114 9.05 13.15 -5.71
CA ILE A 114 9.78 12.82 -6.94
C ILE A 114 9.52 13.85 -8.06
N ASP A 115 10.57 14.23 -8.81
CA ASP A 115 10.44 15.16 -9.94
C ASP A 115 9.32 14.63 -10.87
N GLN A 116 8.27 15.44 -11.06
CA GLN A 116 7.07 15.10 -11.87
C GLN A 116 7.36 14.45 -13.23
N ARG A 117 8.50 14.78 -13.85
CA ARG A 117 8.86 14.29 -15.17
C ARG A 117 9.13 12.78 -15.20
N VAL A 118 9.61 12.18 -14.08
CA VAL A 118 9.83 10.71 -13.93
C VAL A 118 8.56 9.95 -14.35
N VAL A 119 7.38 10.39 -13.84
CA VAL A 119 6.03 9.88 -14.09
C VAL A 119 5.60 10.09 -15.58
N GLN A 120 5.86 11.32 -16.13
CA GLN A 120 5.52 11.70 -17.51
C GLN A 120 6.32 10.84 -18.50
N ASP A 121 7.63 10.65 -18.24
CA ASP A 121 8.54 9.84 -19.04
C ASP A 121 8.16 8.36 -18.96
N ALA A 122 7.93 7.83 -17.73
CA ALA A 122 7.56 6.43 -17.53
C ALA A 122 6.28 6.09 -18.26
N ALA A 123 5.32 7.05 -18.35
CA ALA A 123 4.02 6.86 -19.00
C ALA A 123 4.09 6.71 -20.52
N ARG A 124 5.28 6.90 -21.12
CA ARG A 124 5.55 6.73 -22.54
C ARG A 124 5.61 5.24 -22.89
N ARG A 125 6.12 4.39 -21.96
CA ARG A 125 6.29 2.94 -22.13
C ARG A 125 5.35 2.04 -21.31
N MET A 126 4.94 2.49 -20.12
CA MET A 126 4.12 1.70 -19.19
C MET A 126 2.96 2.52 -18.61
N ARG A 127 2.06 1.86 -17.88
CA ARG A 127 0.94 2.51 -17.18
C ARG A 127 1.50 2.97 -15.84
N VAL A 128 1.04 4.12 -15.36
CA VAL A 128 1.47 4.74 -14.11
C VAL A 128 0.23 5.15 -13.32
N GLU A 129 0.29 4.96 -12.00
CA GLU A 129 -0.76 5.38 -11.07
C GLU A 129 -0.11 6.09 -9.89
N GLU A 130 -0.58 7.31 -9.59
CA GLU A 130 -0.16 8.12 -8.45
C GLU A 130 -1.28 7.88 -7.46
N VAL A 131 -0.94 7.34 -6.28
CA VAL A 131 -1.93 6.87 -5.32
C VAL A 131 -1.62 7.33 -3.90
N SER A 132 -2.66 7.82 -3.18
CA SER A 132 -2.60 8.23 -1.77
C SER A 132 -3.32 7.19 -0.95
N ILE A 133 -2.86 6.92 0.29
CA ILE A 133 -3.54 5.96 1.18
C ILE A 133 -4.57 6.65 2.10
N GLY A 134 -4.58 7.99 2.12
CA GLY A 134 -5.54 8.74 2.92
C GLY A 134 -5.27 10.21 3.14
N ASP A 135 -6.23 10.90 3.80
CA ASP A 135 -6.17 12.33 4.07
C ASP A 135 -5.30 12.70 5.28
N TYR A 136 -4.02 12.32 5.22
CA TYR A 136 -3.04 12.59 6.26
C TYR A 136 -1.65 12.65 5.63
N VAL A 137 -0.70 13.31 6.31
CA VAL A 137 0.66 13.51 5.79
C VAL A 137 1.67 12.60 6.48
N LEU A 138 2.41 11.83 5.67
CA LEU A 138 3.45 10.89 6.08
C LEU A 138 4.83 11.41 5.67
N PRO A 139 5.94 11.02 6.35
CA PRO A 139 7.26 11.52 5.94
C PRO A 139 7.86 10.83 4.70
N GLY A 140 7.23 9.73 4.26
CA GLY A 140 7.69 8.93 3.13
C GLY A 140 6.62 8.02 2.57
N GLY A 141 6.94 7.31 1.49
CA GLY A 141 6.01 6.42 0.78
C GLY A 141 6.14 4.94 1.07
N GLU A 142 7.06 4.56 1.97
CA GLU A 142 7.33 3.18 2.33
C GLU A 142 6.24 2.55 3.16
N SER A 143 5.68 3.30 4.16
CA SER A 143 4.59 2.80 5.01
C SER A 143 3.36 2.60 4.15
N ALA A 144 3.11 3.53 3.20
CA ALA A 144 2.01 3.47 2.23
C ALA A 144 2.14 2.24 1.34
N ALA A 145 3.37 1.93 0.88
CA ALA A 145 3.67 0.77 0.04
C ALA A 145 3.43 -0.56 0.77
N VAL A 146 3.75 -0.63 2.09
CA VAL A 146 3.52 -1.82 2.93
C VAL A 146 2.01 -2.08 2.96
N VAL A 147 1.21 -1.02 3.21
CA VAL A 147 -0.25 -1.05 3.29
C VAL A 147 -0.85 -1.61 1.99
N MET A 148 -0.48 -1.01 0.84
CA MET A 148 -0.95 -1.40 -0.48
C MET A 148 -0.54 -2.85 -0.85
N VAL A 149 0.69 -3.25 -0.48
CA VAL A 149 1.19 -4.59 -0.82
C VAL A 149 0.50 -5.68 0.00
N GLU A 150 0.27 -5.47 1.31
CA GLU A 150 -0.40 -6.51 2.11
C GLU A 150 -1.88 -6.63 1.78
N ALA A 151 -2.51 -5.54 1.31
CA ALA A 151 -3.92 -5.52 0.89
C ALA A 151 -4.09 -6.30 -0.42
N VAL A 152 -3.11 -6.21 -1.34
CA VAL A 152 -3.10 -6.97 -2.60
C VAL A 152 -2.75 -8.45 -2.29
N LEU A 153 -1.70 -8.66 -1.45
CA LEU A 153 -1.19 -9.97 -1.05
C LEU A 153 -2.20 -10.77 -0.21
N ARG A 154 -3.13 -10.07 0.48
CA ARG A 154 -4.22 -10.66 1.28
C ARG A 154 -5.18 -11.40 0.35
N LEU A 155 -5.52 -10.78 -0.80
CA LEU A 155 -6.41 -11.33 -1.82
C LEU A 155 -5.71 -12.46 -2.56
N LEU A 156 -4.42 -12.27 -2.86
CA LEU A 156 -3.54 -13.22 -3.55
C LEU A 156 -3.51 -14.61 -2.86
N ALA A 157 -3.40 -14.62 -1.51
CA ALA A 157 -3.37 -15.84 -0.70
C ALA A 157 -4.77 -16.29 -0.23
N GLY A 158 -5.79 -15.99 -1.03
CA GLY A 158 -7.18 -16.34 -0.76
C GLY A 158 -7.47 -17.82 -0.97
N LEU A 179 -19.68 -0.93 7.24
CA LEU A 179 -18.65 -1.20 8.23
C LEU A 179 -18.92 -2.54 8.90
N GLU A 180 -17.85 -3.29 9.23
CA GLU A 180 -17.95 -4.59 9.88
C GLU A 180 -18.50 -4.40 11.28
N GLY A 181 -19.45 -5.27 11.66
CA GLY A 181 -20.05 -5.20 12.98
C GLY A 181 -19.10 -5.68 14.08
N PRO A 182 -19.58 -5.78 15.34
CA PRO A 182 -18.68 -6.25 16.42
C PRO A 182 -18.47 -7.77 16.44
N SER A 183 -17.35 -8.22 17.06
CA SER A 183 -17.00 -9.63 17.22
C SER A 183 -16.87 -9.96 18.71
N TYR A 184 -17.24 -11.21 19.06
CA TYR A 184 -17.19 -11.70 20.42
C TYR A 184 -16.78 -13.16 20.42
N THR A 185 -15.97 -13.55 21.42
CA THR A 185 -15.56 -14.94 21.65
C THR A 185 -15.74 -15.25 23.14
N ARG A 186 -15.26 -16.43 23.60
CA ARG A 186 -15.33 -16.89 24.99
C ARG A 186 -14.56 -15.95 25.95
N PRO A 187 -15.05 -15.69 27.18
CA PRO A 187 -16.27 -16.22 27.82
C PRO A 187 -17.54 -15.43 27.49
N ALA A 188 -18.73 -16.04 27.70
CA ALA A 188 -20.05 -15.41 27.50
C ALA A 188 -20.23 -14.12 28.34
N SER A 189 -19.64 -14.08 29.54
CA SER A 189 -19.66 -12.94 30.44
C SER A 189 -18.23 -12.61 30.85
N TRP A 190 -17.82 -11.35 30.63
CA TRP A 190 -16.49 -10.90 30.98
C TRP A 190 -16.53 -9.47 31.53
N ARG A 191 -16.11 -9.28 32.82
CA ARG A 191 -16.02 -7.98 33.51
C ARG A 191 -17.37 -7.21 33.53
N GLY A 192 -18.45 -7.97 33.70
CA GLY A 192 -19.81 -7.44 33.71
C GLY A 192 -20.39 -7.23 32.32
N LEU A 193 -19.64 -7.61 31.27
CA LEU A 193 -20.06 -7.42 29.88
C LEU A 193 -20.38 -8.77 29.24
N ASP A 194 -21.66 -8.95 28.91
CA ASP A 194 -22.17 -10.19 28.35
C ASP A 194 -22.22 -10.11 26.83
N VAL A 195 -21.95 -11.25 26.15
CA VAL A 195 -22.04 -11.41 24.71
C VAL A 195 -23.53 -11.26 24.37
N PRO A 196 -23.93 -10.40 23.40
CA PRO A 196 -25.37 -10.26 23.09
C PRO A 196 -26.05 -11.61 22.92
N GLU A 197 -27.11 -11.84 23.70
CA GLU A 197 -27.91 -13.09 23.77
C GLU A 197 -28.17 -13.72 22.41
N VAL A 198 -28.47 -12.88 21.38
CA VAL A 198 -28.74 -13.26 19.97
C VAL A 198 -27.62 -14.19 19.39
N LEU A 199 -26.36 -13.94 19.75
CA LEU A 199 -25.20 -14.75 19.28
C LEU A 199 -25.12 -16.10 20.00
N LEU A 200 -25.95 -16.32 21.03
CA LEU A 200 -26.06 -17.57 21.78
C LEU A 200 -27.42 -18.26 21.51
N SER A 201 -28.19 -17.76 20.50
CA SER A 201 -29.54 -18.26 20.16
C SER A 201 -29.62 -19.52 19.27
N GLY A 202 -28.65 -19.71 18.37
CA GLY A 202 -28.61 -20.82 17.42
C GLY A 202 -29.46 -20.61 16.18
N ASP A 203 -30.08 -19.42 16.07
CA ASP A 203 -30.94 -19.02 14.97
C ASP A 203 -30.09 -18.19 14.00
N HIS A 204 -29.52 -18.87 12.99
CA HIS A 204 -28.60 -18.34 11.97
C HIS A 204 -29.18 -17.18 11.17
N ALA A 205 -30.49 -17.21 10.85
CA ALA A 205 -31.16 -16.11 10.15
C ALA A 205 -31.30 -14.92 11.09
N ARG A 206 -31.64 -15.15 12.39
CA ARG A 206 -31.75 -14.11 13.40
C ARG A 206 -30.37 -13.45 13.64
N ILE A 207 -29.30 -14.28 13.77
CA ILE A 207 -27.92 -13.81 13.96
C ILE A 207 -27.52 -12.88 12.79
N ALA A 208 -27.82 -13.30 11.52
CA ALA A 208 -27.55 -12.51 10.31
C ALA A 208 -28.32 -11.18 10.33
N ALA A 209 -29.62 -11.23 10.70
CA ALA A 209 -30.48 -10.04 10.82
C ALA A 209 -29.89 -8.98 11.76
N TRP A 210 -29.38 -9.40 12.94
CA TRP A 210 -28.77 -8.56 13.96
C TRP A 210 -27.47 -7.93 13.46
N ARG A 211 -26.55 -8.77 12.91
CA ARG A 211 -25.26 -8.37 12.35
C ARG A 211 -25.38 -7.26 11.30
N ARG A 212 -26.44 -7.31 10.47
CA ARG A 212 -26.78 -6.31 9.45
C ARG A 212 -27.18 -4.98 10.13
N GLU A 213 -28.04 -5.06 11.18
CA GLU A 213 -28.55 -3.90 11.93
C GLU A 213 -27.42 -3.15 12.61
N VAL A 214 -26.58 -3.87 13.37
CA VAL A 214 -25.44 -3.30 14.11
C VAL A 214 -24.43 -2.66 13.15
N SER A 215 -24.17 -3.30 11.99
CA SER A 215 -23.26 -2.80 10.94
C SER A 215 -23.84 -1.54 10.33
N LEU A 216 -25.14 -1.57 9.94
CA LEU A 216 -25.86 -0.43 9.36
C LEU A 216 -25.83 0.78 10.28
N GLN A 217 -26.00 0.55 11.60
CA GLN A 217 -26.00 1.59 12.63
C GLN A 217 -24.60 2.16 12.81
N ARG A 218 -23.58 1.28 12.96
CA ARG A 218 -22.16 1.64 13.08
C ARG A 218 -21.74 2.46 11.85
N THR A 219 -22.25 2.09 10.65
CA THR A 219 -22.00 2.80 9.40
C THR A 219 -22.58 4.21 9.44
N ARG A 220 -23.80 4.39 9.98
CA ARG A 220 -24.43 5.72 10.06
C ARG A 220 -23.73 6.67 11.05
N GLU A 221 -23.30 6.14 12.21
CA GLU A 221 -22.62 6.91 13.26
C GLU A 221 -21.19 7.33 12.91
N ARG A 222 -20.46 6.48 12.16
CA ARG A 222 -19.05 6.70 11.83
C ARG A 222 -18.77 7.09 10.39
N ARG A 223 -19.46 6.44 9.42
CA ARG A 223 -19.27 6.69 7.97
C ARG A 223 -20.59 6.89 7.19
N PRO A 224 -21.42 7.94 7.48
CA PRO A 224 -22.70 8.11 6.74
C PRO A 224 -22.56 8.23 5.23
N ASP A 225 -21.38 8.69 4.75
CA ASP A 225 -21.02 8.84 3.33
C ASP A 225 -21.01 7.48 2.61
N LEU A 226 -20.78 6.41 3.38
CA LEU A 226 -20.74 5.00 2.94
C LEU A 226 -22.13 4.38 3.08
CAL BWR B . 2.95 18.93 3.00
CAJ BWR B . 3.04 19.77 4.30
CBA BWR B . 3.72 21.13 4.04
NAA BWR B . 3.93 21.87 5.30
CAK BWR B . 5.06 20.97 3.26
CAM BWR B . 4.85 20.06 2.03
NBB BWR B . 4.29 18.73 2.37
CAO BWR B . 4.19 17.95 1.10
CAV BWR B . 4.47 16.57 1.19
CAG BWR B . 5.44 15.99 0.37
CAE BWR B . 5.69 14.61 0.43
CAF BWR B . 3.73 15.73 2.03
CAD BWR B . 3.98 14.35 2.10
CAU BWR B . 4.97 13.77 1.28
CAN BWR B . 5.24 12.39 1.34
NAQ BWR B . 4.02 11.55 1.15
CAT BWR B . 4.02 10.25 0.79
OAB BWR B . 5.05 9.69 0.42
CAW BWR B . 2.83 9.58 0.64
CAZ BWR B . 1.60 9.77 1.26
CAX BWR B . 1.09 10.71 2.12
OAC BWR B . 1.77 11.61 2.62
NAR BWR B . -0.26 10.70 2.55
CAH BWR B . -1.11 9.77 2.12
NAP BWR B . -0.61 8.82 1.23
CAY BWR B . 0.69 8.82 0.85
SAS BWR B . 1.39 7.77 -0.20
CAI BWR B . 2.88 8.50 -0.14
#